data_1K7S
#
_entry.id   1K7S
#
_cell.length_a   85.57
_cell.length_b   85.57
_cell.length_c   91.60
_cell.angle_alpha   90
_cell.angle_beta   90
_cell.angle_gamma   120
#
_symmetry.space_group_name_H-M   'P 63'
#
loop_
_entity.id
_entity.type
_entity.pdbx_description
1 polymer 'Ferrichrome-binding periplasmic protein'
2 non-polymer 'DELTA-2-ALBOMYCIN A1'
3 water water
#
_entity_poly.entity_id   1
_entity_poly.type   'polypeptide(L)'
_entity_poly.pdbx_seq_one_letter_code
;GIDPNRIVALEWLPVELLLALGIVPYGVADTINYRLWVSEPPLPDSVIDVGLRTEPNLELLTEMKPSFMVWSAGYGPSPE
MLARIAPGRGFNFSDGKQPLAMARKSLTEMADLLNLQSAAETHLAQYEDFIRSMKPRFVKRGARPLLLTTLIDPRHMLVF
GPNSLFQEILDEYGIPNAWQGETNFWGSTAVSIDRLAAYKDVDVLCFDHDNSKDMDALMATPLWQAMPFVRAGRFQRVPA
VWFYGATLSAMHFVRVLDNAIGGKA
;
_entity_poly.pdbx_strand_id   N
#
# COMPACT_ATOMS: atom_id res chain seq x y z
N GLY A 1 20.15 -12.75 5.96
CA GLY A 1 19.06 -13.70 5.58
C GLY A 1 19.62 -14.89 4.85
N ILE A 2 20.91 -15.12 5.05
CA ILE A 2 21.64 -16.21 4.42
C ILE A 2 20.95 -16.87 3.20
N ASP A 3 20.07 -17.86 3.38
CA ASP A 3 19.42 -18.50 2.23
C ASP A 3 18.21 -17.72 1.70
N PRO A 4 18.38 -17.06 0.55
CA PRO A 4 17.39 -16.25 -0.15
C PRO A 4 16.13 -16.98 -0.60
N ASN A 5 16.18 -18.30 -0.66
CA ASN A 5 15.01 -19.07 -1.08
C ASN A 5 14.21 -19.59 0.09
N ARG A 6 14.62 -19.21 1.29
CA ARG A 6 13.93 -19.63 2.50
C ARG A 6 13.55 -18.46 3.41
N ILE A 7 13.06 -17.37 2.81
CA ILE A 7 12.64 -16.20 3.57
C ILE A 7 11.11 -16.14 3.68
N VAL A 8 10.63 -15.89 4.89
CA VAL A 8 9.20 -15.80 5.14
C VAL A 8 8.81 -14.35 5.43
N ALA A 9 7.88 -13.81 4.66
CA ALA A 9 7.41 -12.44 4.85
C ALA A 9 6.11 -12.49 5.63
N LEU A 10 6.07 -11.84 6.79
CA LEU A 10 4.86 -11.85 7.62
C LEU A 10 3.96 -10.61 7.48
N GLU A 11 4.26 -9.75 6.50
CA GLU A 11 3.46 -8.56 6.26
C GLU A 11 3.68 -8.20 4.80
N TRP A 12 2.71 -7.51 4.19
CA TRP A 12 2.80 -7.15 2.78
C TRP A 12 3.75 -6.02 2.42
N LEU A 13 4.29 -5.33 3.41
CA LEU A 13 5.22 -4.25 3.13
C LEU A 13 6.51 -4.91 2.66
N PRO A 14 7.09 -5.80 3.50
CA PRO A 14 8.33 -6.51 3.16
C PRO A 14 8.21 -7.49 2.00
N VAL A 15 7.00 -7.92 1.69
CA VAL A 15 6.79 -8.83 0.58
C VAL A 15 7.16 -8.06 -0.68
N GLU A 16 6.64 -6.85 -0.74
CA GLU A 16 6.88 -5.94 -1.85
C GLU A 16 8.37 -5.66 -2.02
N LEU A 17 9.08 -5.51 -0.90
CA LEU A 17 10.51 -5.25 -0.95
C LEU A 17 11.28 -6.42 -1.58
N LEU A 18 10.93 -7.63 -1.16
CA LEU A 18 11.56 -8.85 -1.68
C LEU A 18 11.32 -8.95 -3.16
N LEU A 19 10.04 -8.82 -3.53
CA LEU A 19 9.60 -8.88 -4.91
C LEU A 19 10.35 -7.92 -5.81
N ALA A 20 10.49 -6.68 -5.38
CA ALA A 20 11.20 -5.67 -6.17
C ALA A 20 12.65 -6.06 -6.41
N LEU A 21 13.22 -6.82 -5.47
CA LEU A 21 14.60 -7.28 -5.58
C LEU A 21 14.70 -8.62 -6.29
N GLY A 22 13.56 -9.18 -6.69
CA GLY A 22 13.59 -10.46 -7.38
C GLY A 22 13.45 -11.72 -6.55
N ILE A 23 13.35 -11.60 -5.23
CA ILE A 23 13.23 -12.79 -4.38
C ILE A 23 11.83 -13.37 -4.37
N VAL A 24 11.75 -14.69 -4.36
CA VAL A 24 10.48 -15.39 -4.31
C VAL A 24 10.31 -15.81 -2.85
N PRO A 25 9.32 -15.21 -2.16
CA PRO A 25 9.09 -15.55 -0.76
C PRO A 25 8.76 -17.00 -0.49
N TYR A 26 9.61 -17.65 0.29
CA TYR A 26 9.44 -19.04 0.70
C TYR A 26 8.05 -19.12 1.33
N GLY A 27 7.74 -18.12 2.13
CA GLY A 27 6.46 -18.03 2.80
C GLY A 27 5.93 -16.61 2.83
N VAL A 28 4.61 -16.49 2.98
CA VAL A 28 3.92 -15.20 3.04
C VAL A 28 2.64 -15.34 3.88
N ALA A 29 2.45 -14.39 4.80
CA ALA A 29 1.28 -14.36 5.66
C ALA A 29 0.07 -13.72 4.98
N ASP A 30 -1.04 -14.46 4.93
CA ASP A 30 -2.31 -14.01 4.36
C ASP A 30 -2.26 -13.75 2.84
N THR A 31 -2.00 -14.79 2.07
CA THR A 31 -1.92 -14.69 0.62
C THR A 31 -3.30 -14.48 -0.01
N ILE A 32 -4.34 -14.90 0.68
CA ILE A 32 -5.70 -14.75 0.19
C ILE A 32 -6.07 -13.28 0.02
N ASN A 33 -6.02 -12.53 1.10
CA ASN A 33 -6.36 -11.10 1.08
C ASN A 33 -5.33 -10.30 0.31
N TYR A 34 -4.11 -10.80 0.26
CA TYR A 34 -3.08 -10.10 -0.48
C TYR A 34 -3.63 -9.92 -1.89
N ARG A 35 -4.41 -10.89 -2.34
CA ARG A 35 -4.99 -10.84 -3.68
C ARG A 35 -5.96 -9.69 -3.83
N LEU A 36 -6.75 -9.45 -2.79
CA LEU A 36 -7.78 -8.40 -2.76
C LEU A 36 -7.30 -6.96 -2.51
N TRP A 37 -6.30 -6.80 -1.65
CA TRP A 37 -5.79 -5.47 -1.31
C TRP A 37 -4.53 -5.01 -2.03
N VAL A 38 -3.57 -5.92 -2.20
CA VAL A 38 -2.33 -5.58 -2.88
C VAL A 38 -2.53 -5.87 -4.35
N SER A 39 -2.90 -7.12 -4.64
CA SER A 39 -3.18 -7.58 -5.99
C SER A 39 -2.03 -7.58 -6.98
N GLU A 40 -1.29 -6.48 -7.05
CA GLU A 40 -0.18 -6.38 -7.99
C GLU A 40 0.91 -7.40 -7.62
N PRO A 41 2.16 -7.25 -8.10
CA PRO A 41 3.08 -8.32 -7.72
C PRO A 41 2.38 -9.60 -7.27
N PRO A 42 1.60 -10.23 -8.20
CA PRO A 42 0.90 -11.45 -7.81
C PRO A 42 1.89 -12.43 -7.22
N LEU A 43 1.42 -13.34 -6.38
CA LEU A 43 2.32 -14.30 -5.77
C LEU A 43 2.36 -15.66 -6.47
N PRO A 44 3.57 -16.12 -6.81
CA PRO A 44 3.67 -17.43 -7.48
C PRO A 44 2.97 -18.44 -6.57
N ASP A 45 2.24 -19.38 -7.18
CA ASP A 45 1.51 -20.36 -6.39
C ASP A 45 2.37 -21.19 -5.44
N SER A 46 3.68 -21.27 -5.69
CA SER A 46 4.54 -22.06 -4.83
C SER A 46 4.49 -21.55 -3.39
N VAL A 47 4.48 -20.23 -3.25
CA VAL A 47 4.46 -19.57 -1.95
C VAL A 47 3.58 -20.28 -0.94
N ILE A 48 4.13 -20.48 0.25
CA ILE A 48 3.38 -21.12 1.32
C ILE A 48 2.69 -20.08 2.18
N ASP A 49 1.37 -20.17 2.29
CA ASP A 49 0.58 -19.25 3.11
C ASP A 49 0.87 -19.60 4.56
N VAL A 50 1.41 -18.65 5.31
CA VAL A 50 1.73 -18.90 6.71
C VAL A 50 0.66 -18.41 7.69
N GLY A 51 -0.50 -18.01 7.16
CA GLY A 51 -1.57 -17.54 8.01
C GLY A 51 -1.80 -16.04 7.99
N LEU A 52 -2.48 -15.54 9.02
CA LEU A 52 -2.77 -14.12 9.13
C LEU A 52 -1.55 -13.39 9.61
N ARG A 53 -1.38 -12.15 9.17
CA ARG A 53 -0.21 -11.37 9.58
C ARG A 53 -0.26 -11.09 11.08
N THR A 54 -1.46 -11.04 11.62
CA THR A 54 -1.66 -10.78 13.03
C THR A 54 -1.47 -11.99 13.92
N GLU A 55 -1.88 -13.16 13.44
CA GLU A 55 -1.76 -14.39 14.20
C GLU A 55 -1.21 -15.50 13.31
N PRO A 56 0.03 -15.34 12.84
CA PRO A 56 0.64 -16.36 11.98
C PRO A 56 0.73 -17.73 12.62
N ASN A 57 0.71 -18.75 11.79
CA ASN A 57 0.80 -20.15 12.22
C ASN A 57 2.21 -20.43 12.75
N LEU A 58 2.41 -20.24 14.05
CA LEU A 58 3.72 -20.44 14.65
C LEU A 58 4.20 -21.89 14.56
N GLU A 59 3.26 -22.82 14.54
CA GLU A 59 3.61 -24.23 14.42
C GLU A 59 4.27 -24.45 13.08
N LEU A 60 3.56 -24.05 12.02
CA LEU A 60 4.04 -24.17 10.66
C LEU A 60 5.42 -23.54 10.56
N LEU A 61 5.52 -22.26 10.91
CA LEU A 61 6.78 -21.54 10.83
C LEU A 61 7.93 -22.35 11.42
N THR A 62 7.69 -22.98 12.57
CA THR A 62 8.71 -23.78 13.24
C THR A 62 9.10 -24.99 12.40
N GLU A 63 8.12 -25.62 11.77
CA GLU A 63 8.41 -26.78 10.93
C GLU A 63 9.20 -26.31 9.69
N MET A 64 8.76 -25.20 9.11
CA MET A 64 9.40 -24.61 7.92
C MET A 64 10.89 -24.34 8.11
N LYS A 65 11.26 -23.85 9.29
CA LYS A 65 12.64 -23.52 9.61
C LYS A 65 13.16 -22.44 8.66
N PRO A 66 12.51 -21.27 8.65
CA PRO A 66 12.94 -20.18 7.76
C PRO A 66 14.40 -19.81 8.01
N SER A 67 15.06 -19.30 6.98
CA SER A 67 16.45 -18.89 7.13
C SER A 67 16.40 -17.48 7.71
N PHE A 68 15.31 -16.79 7.42
CA PHE A 68 15.12 -15.43 7.87
C PHE A 68 13.65 -15.08 7.70
N MET A 69 13.15 -14.18 8.54
CA MET A 69 11.75 -13.74 8.47
C MET A 69 11.67 -12.22 8.47
N VAL A 70 10.85 -11.65 7.60
CA VAL A 70 10.70 -10.21 7.54
C VAL A 70 9.29 -9.81 7.93
N TRP A 71 9.17 -8.66 8.59
CA TRP A 71 7.89 -8.16 9.04
C TRP A 71 7.90 -6.65 9.06
N SER A 72 6.76 -6.06 9.35
CA SER A 72 6.62 -4.61 9.41
C SER A 72 6.64 -4.19 10.87
N ALA A 73 7.56 -3.29 11.21
CA ALA A 73 7.68 -2.82 12.59
C ALA A 73 6.37 -2.23 13.15
N GLY A 74 6.13 -2.48 14.44
CA GLY A 74 4.93 -1.98 15.09
C GLY A 74 3.64 -2.67 14.71
N TYR A 75 3.72 -3.65 13.82
CA TYR A 75 2.54 -4.40 13.38
C TYR A 75 2.77 -5.91 13.55
N GLY A 76 1.69 -6.64 13.81
CA GLY A 76 1.79 -8.08 13.95
C GLY A 76 2.31 -8.60 15.28
N PRO A 77 2.89 -9.81 15.28
CA PRO A 77 3.43 -10.43 16.51
C PRO A 77 4.66 -9.71 17.06
N SER A 78 4.89 -9.92 18.35
CA SER A 78 6.01 -9.30 19.03
C SER A 78 7.37 -9.72 18.45
N PRO A 79 8.28 -8.75 18.21
CA PRO A 79 9.60 -9.07 17.67
C PRO A 79 10.34 -10.03 18.60
N GLU A 80 10.15 -9.86 19.91
CA GLU A 80 10.80 -10.74 20.87
C GLU A 80 10.30 -12.16 20.58
N MET A 81 9.00 -12.33 20.61
CA MET A 81 8.36 -13.62 20.35
C MET A 81 8.92 -14.28 19.07
N LEU A 82 8.79 -13.58 17.95
CA LEU A 82 9.25 -14.05 16.65
C LEU A 82 10.68 -14.53 16.56
N ALA A 83 11.63 -13.71 17.02
CA ALA A 83 13.05 -14.04 16.97
C ALA A 83 13.33 -15.39 17.60
N ARG A 84 12.32 -15.95 18.27
CA ARG A 84 12.46 -17.25 18.90
C ARG A 84 12.22 -18.34 17.87
N ILE A 85 11.69 -17.96 16.71
CA ILE A 85 11.41 -18.93 15.65
C ILE A 85 12.56 -19.03 14.66
N ALA A 86 13.13 -17.89 14.30
CA ALA A 86 14.24 -17.83 13.37
C ALA A 86 14.69 -16.38 13.25
N PRO A 87 15.87 -16.16 12.65
CA PRO A 87 16.35 -14.78 12.49
C PRO A 87 15.40 -14.00 11.61
N GLY A 88 15.37 -12.69 11.80
CA GLY A 88 14.49 -11.87 11.01
C GLY A 88 14.72 -10.40 11.26
N ARG A 89 14.14 -9.56 10.41
CA ARG A 89 14.28 -8.12 10.54
C ARG A 89 12.92 -7.46 10.34
N GLY A 90 12.62 -6.49 11.19
CA GLY A 90 11.38 -5.75 11.05
C GLY A 90 11.70 -4.51 10.22
N PHE A 91 10.76 -4.10 9.37
CA PHE A 91 10.95 -2.93 8.54
C PHE A 91 9.94 -1.84 8.83
N ASN A 92 10.39 -0.60 8.73
CA ASN A 92 9.53 0.55 8.97
C ASN A 92 8.84 1.04 7.70
N PHE A 93 7.55 1.35 7.85
CA PHE A 93 6.77 1.81 6.73
C PHE A 93 7.08 3.28 6.48
N SER A 94 7.17 4.04 7.58
CA SER A 94 7.41 5.46 7.50
C SER A 94 8.17 5.98 8.72
N ASP A 95 8.40 7.29 8.73
CA ASP A 95 9.05 7.95 9.86
C ASP A 95 7.92 8.78 10.44
N GLY A 96 6.72 8.55 9.93
CA GLY A 96 5.55 9.27 10.39
C GLY A 96 5.23 10.42 9.47
N LYS A 97 6.13 10.72 8.56
CA LYS A 97 5.95 11.84 7.64
C LYS A 97 6.13 11.47 6.19
N GLN A 98 7.16 10.68 5.89
CA GLN A 98 7.45 10.29 4.52
C GLN A 98 7.70 8.81 4.31
N PRO A 99 6.65 8.08 3.92
CA PRO A 99 6.71 6.63 3.66
C PRO A 99 7.58 6.22 2.47
N LEU A 100 7.59 7.01 1.40
CA LEU A 100 8.38 6.67 0.23
C LEU A 100 9.87 6.84 0.44
N ALA A 101 10.24 7.80 1.29
CA ALA A 101 11.64 8.04 1.60
C ALA A 101 12.09 6.79 2.33
N MET A 102 11.29 6.37 3.30
CA MET A 102 11.57 5.19 4.10
C MET A 102 11.60 3.95 3.23
N ALA A 103 10.69 3.86 2.26
CA ALA A 103 10.63 2.72 1.36
C ALA A 103 11.98 2.53 0.65
N ARG A 104 12.54 3.63 0.18
CA ARG A 104 13.83 3.63 -0.51
C ARG A 104 14.92 3.17 0.42
N LYS A 105 14.84 3.57 1.70
CA LYS A 105 15.84 3.14 2.67
C LYS A 105 15.60 1.67 3.02
N SER A 106 14.35 1.26 3.08
CA SER A 106 14.02 -0.14 3.40
C SER A 106 14.44 -1.09 2.27
N LEU A 107 14.28 -0.63 1.03
CA LEU A 107 14.63 -1.43 -0.13
C LEU A 107 16.15 -1.69 -0.13
N THR A 108 16.90 -0.63 0.16
CA THR A 108 18.35 -0.67 0.20
C THR A 108 18.85 -1.55 1.33
N GLU A 109 18.20 -1.43 2.48
CA GLU A 109 18.55 -2.19 3.67
C GLU A 109 18.30 -3.68 3.43
N MET A 110 17.22 -3.96 2.70
CA MET A 110 16.85 -5.33 2.37
C MET A 110 17.92 -5.89 1.46
N ALA A 111 18.23 -5.16 0.41
CA ALA A 111 19.25 -5.58 -0.55
C ALA A 111 20.55 -5.91 0.18
N ASP A 112 21.02 -4.96 0.99
CA ASP A 112 22.26 -5.14 1.71
C ASP A 112 22.30 -6.45 2.46
N LEU A 113 21.21 -6.79 3.14
CA LEU A 113 21.10 -8.05 3.87
C LEU A 113 21.38 -9.23 2.96
N LEU A 114 20.87 -9.13 1.74
CA LEU A 114 20.99 -10.21 0.76
C LEU A 114 22.05 -10.01 -0.30
N ASN A 115 22.80 -8.91 -0.23
CA ASN A 115 23.83 -8.60 -1.21
C ASN A 115 23.20 -8.60 -2.60
N LEU A 116 22.21 -7.74 -2.77
CA LEU A 116 21.51 -7.57 -4.02
C LEU A 116 21.51 -6.08 -4.32
N GLN A 117 22.58 -5.43 -3.88
CA GLN A 117 22.78 -3.99 -4.06
C GLN A 117 22.54 -3.54 -5.47
N SER A 118 23.06 -4.27 -6.45
CA SER A 118 22.88 -3.92 -7.85
C SER A 118 21.40 -3.93 -8.21
N ALA A 119 20.74 -5.05 -7.93
CA ALA A 119 19.31 -5.21 -8.22
C ALA A 119 18.49 -4.10 -7.57
N ALA A 120 18.96 -3.62 -6.42
CA ALA A 120 18.27 -2.56 -5.71
C ALA A 120 18.40 -1.25 -6.47
N GLU A 121 19.58 -0.96 -6.97
CA GLU A 121 19.84 0.27 -7.71
C GLU A 121 19.08 0.32 -9.02
N THR A 122 19.00 -0.84 -9.68
CA THR A 122 18.31 -0.94 -10.96
C THR A 122 16.85 -0.63 -10.77
N HIS A 123 16.26 -1.22 -9.73
CA HIS A 123 14.86 -0.98 -9.45
C HIS A 123 14.60 0.48 -9.10
N LEU A 124 15.45 1.04 -8.25
CA LEU A 124 15.28 2.42 -7.83
C LEU A 124 15.34 3.42 -8.99
N ALA A 125 16.20 3.13 -9.97
CA ALA A 125 16.33 4.02 -11.13
C ALA A 125 15.10 3.83 -12.00
N GLN A 126 14.67 2.58 -12.14
CA GLN A 126 13.48 2.23 -12.91
C GLN A 126 12.34 3.00 -12.28
N TYR A 127 12.29 2.94 -10.95
CA TYR A 127 11.27 3.61 -10.16
C TYR A 127 11.27 5.14 -10.34
N GLU A 128 12.35 5.79 -9.95
CA GLU A 128 12.40 7.25 -10.07
C GLU A 128 12.16 7.75 -11.49
N ASP A 129 12.63 7.00 -12.49
CA ASP A 129 12.44 7.38 -13.88
C ASP A 129 10.99 7.26 -14.31
N PHE A 130 10.30 6.23 -13.82
CA PHE A 130 8.91 6.01 -14.17
C PHE A 130 8.00 7.06 -13.56
N ILE A 131 8.31 7.49 -12.35
CA ILE A 131 7.52 8.52 -11.69
C ILE A 131 7.69 9.81 -12.49
N ARG A 132 8.92 10.10 -12.90
CA ARG A 132 9.20 11.31 -13.65
C ARG A 132 8.55 11.33 -15.01
N SER A 133 8.59 10.19 -15.68
CA SER A 133 8.02 10.08 -17.01
C SER A 133 6.54 10.38 -17.10
N MET A 134 5.79 9.99 -16.06
CA MET A 134 4.34 10.20 -16.07
C MET A 134 3.92 11.60 -15.66
N LYS A 135 4.86 12.40 -15.19
CA LYS A 135 4.56 13.76 -14.75
C LYS A 135 3.67 14.55 -15.72
N PRO A 136 4.01 14.56 -17.01
CA PRO A 136 3.21 15.29 -18.02
C PRO A 136 1.81 14.76 -18.28
N ARG A 137 1.45 13.66 -17.65
CA ARG A 137 0.11 13.08 -17.81
C ARG A 137 -0.84 13.79 -16.86
N PHE A 138 -0.31 14.72 -16.08
CA PHE A 138 -1.14 15.45 -15.12
C PHE A 138 -0.89 16.95 -15.12
N VAL A 139 -0.42 17.45 -16.26
CA VAL A 139 -0.14 18.89 -16.38
C VAL A 139 -1.41 19.68 -16.71
N LYS A 140 -2.35 19.02 -17.40
CA LYS A 140 -3.61 19.66 -17.77
C LYS A 140 -4.52 19.90 -16.59
N ARG A 141 -4.89 18.84 -15.87
CA ARG A 141 -5.76 18.97 -14.72
C ARG A 141 -4.99 19.71 -13.64
N GLY A 142 -5.06 21.04 -13.67
CA GLY A 142 -4.37 21.87 -12.71
C GLY A 142 -4.47 21.68 -11.21
N ALA A 143 -4.69 22.80 -10.52
CA ALA A 143 -4.74 22.81 -9.08
C ALA A 143 -5.99 22.27 -8.40
N ARG A 144 -6.76 21.41 -9.06
CA ARG A 144 -7.94 20.90 -8.39
C ARG A 144 -7.50 19.80 -7.42
N PRO A 145 -7.87 19.92 -6.14
CA PRO A 145 -7.48 18.91 -5.16
C PRO A 145 -8.06 17.52 -5.47
N LEU A 146 -7.34 16.50 -5.03
CA LEU A 146 -7.73 15.11 -5.22
C LEU A 146 -7.92 14.45 -3.87
N LEU A 147 -8.93 13.59 -3.76
CA LEU A 147 -9.16 12.90 -2.50
C LEU A 147 -9.07 11.40 -2.72
N LEU A 148 -8.18 10.76 -1.96
CA LEU A 148 -7.97 9.32 -2.05
C LEU A 148 -8.69 8.67 -0.89
N THR A 149 -9.50 7.66 -1.22
CA THR A 149 -10.28 6.97 -0.22
C THR A 149 -10.43 5.50 -0.55
N THR A 150 -11.08 4.77 0.37
CA THR A 150 -11.41 3.35 0.21
C THR A 150 -12.48 3.08 1.27
N LEU A 151 -13.47 2.27 0.92
CA LEU A 151 -14.56 1.96 1.84
C LEU A 151 -14.26 0.80 2.77
N ILE A 152 -14.42 1.02 4.06
CA ILE A 152 -14.18 -0.01 5.08
C ILE A 152 -15.50 -0.71 5.41
N ASP A 153 -16.57 0.05 5.37
CA ASP A 153 -17.92 -0.45 5.61
C ASP A 153 -18.83 0.71 5.21
N PRO A 154 -20.12 0.45 4.98
CA PRO A 154 -21.07 1.50 4.57
C PRO A 154 -21.06 2.80 5.37
N ARG A 155 -20.69 2.73 6.64
CA ARG A 155 -20.67 3.93 7.46
C ARG A 155 -19.31 4.60 7.58
N HIS A 156 -18.27 3.99 6.99
CA HIS A 156 -16.92 4.54 7.08
C HIS A 156 -16.07 4.50 5.83
N MET A 157 -15.32 5.58 5.63
CA MET A 157 -14.41 5.73 4.50
C MET A 157 -13.03 6.04 5.05
N LEU A 158 -12.01 5.50 4.40
CA LEU A 158 -10.66 5.83 4.83
C LEU A 158 -10.20 6.91 3.88
N VAL A 159 -9.63 7.96 4.43
CA VAL A 159 -9.09 9.04 3.61
C VAL A 159 -7.59 8.98 3.86
N PHE A 160 -6.82 9.36 2.84
CA PHE A 160 -5.37 9.34 2.97
C PHE A 160 -4.79 10.74 2.97
N GLY A 161 -4.10 11.08 4.05
CA GLY A 161 -3.54 12.41 4.17
C GLY A 161 -2.12 12.67 3.68
N PRO A 162 -1.55 13.80 4.12
CA PRO A 162 -0.20 14.28 3.80
C PRO A 162 0.93 13.31 4.07
N ASN A 163 0.78 12.46 5.09
CA ASN A 163 1.84 11.50 5.40
C ASN A 163 1.54 10.09 4.91
N SER A 164 0.69 9.97 3.90
CA SER A 164 0.35 8.69 3.32
C SER A 164 1.32 8.38 2.18
N LEU A 165 1.36 7.12 1.76
CA LEU A 165 2.25 6.69 0.69
C LEU A 165 2.10 7.56 -0.56
N PHE A 166 0.86 7.86 -0.91
CA PHE A 166 0.58 8.64 -2.12
C PHE A 166 0.94 10.12 -2.14
N GLN A 167 1.14 10.72 -0.97
CA GLN A 167 1.43 12.15 -0.93
C GLN A 167 2.63 12.62 -1.72
N GLU A 168 3.77 11.96 -1.53
CA GLU A 168 4.98 12.35 -2.26
C GLU A 168 4.70 12.32 -3.76
N ILE A 169 3.93 11.33 -4.20
CA ILE A 169 3.59 11.23 -5.61
C ILE A 169 2.76 12.45 -6.03
N LEU A 170 1.78 12.82 -5.21
CA LEU A 170 0.95 13.99 -5.53
C LEU A 170 1.82 15.23 -5.62
N ASP A 171 2.75 15.38 -4.68
CA ASP A 171 3.66 16.51 -4.66
C ASP A 171 4.46 16.63 -5.95
N GLU A 172 4.89 15.50 -6.48
CA GLU A 172 5.67 15.49 -7.69
C GLU A 172 4.83 15.76 -8.93
N TYR A 173 3.51 15.67 -8.79
CA TYR A 173 2.65 15.95 -9.93
C TYR A 173 1.89 17.25 -9.72
N GLY A 174 1.99 17.79 -8.52
CA GLY A 174 1.33 19.04 -8.22
C GLY A 174 -0.15 18.89 -7.92
N ILE A 175 -0.56 17.67 -7.59
CA ILE A 175 -1.96 17.41 -7.27
C ILE A 175 -2.14 17.78 -5.80
N PRO A 176 -3.05 18.72 -5.51
CA PRO A 176 -3.24 19.06 -4.10
C PRO A 176 -4.02 17.94 -3.44
N ASN A 177 -3.63 17.55 -2.23
CA ASN A 177 -4.37 16.49 -1.54
C ASN A 177 -5.53 17.13 -0.79
N ALA A 178 -6.75 16.80 -1.19
CA ALA A 178 -7.95 17.35 -0.56
C ALA A 178 -8.02 17.08 0.95
N TRP A 179 -7.33 16.05 1.43
CA TRP A 179 -7.41 15.77 2.84
C TRP A 179 -6.22 16.31 3.61
N GLN A 180 -6.50 17.29 4.45
CA GLN A 180 -5.48 17.91 5.29
C GLN A 180 -5.81 17.73 6.75
N GLY A 181 -6.84 16.91 7.04
CA GLY A 181 -7.22 16.66 8.42
C GLY A 181 -6.17 15.76 9.07
N GLU A 182 -6.55 15.06 10.13
CA GLU A 182 -5.62 14.18 10.81
C GLU A 182 -5.46 12.81 10.15
N THR A 183 -4.39 12.12 10.56
CA THR A 183 -4.06 10.80 10.03
C THR A 183 -3.22 10.05 11.05
N ASN A 184 -3.32 8.72 11.04
CA ASN A 184 -2.52 7.91 11.96
C ASN A 184 -1.09 7.86 11.42
N PHE A 185 -0.23 7.11 12.09
CA PHE A 185 1.15 6.99 11.64
C PHE A 185 1.25 6.51 10.19
N TRP A 186 0.27 5.70 9.77
CA TRP A 186 0.26 5.12 8.43
C TRP A 186 -0.25 6.04 7.33
N GLY A 187 -0.62 7.26 7.69
CA GLY A 187 -1.09 8.23 6.71
C GLY A 187 -2.57 8.24 6.41
N SER A 188 -3.40 7.57 7.20
CA SER A 188 -4.83 7.57 6.92
C SER A 188 -5.72 7.70 8.16
N THR A 189 -7.01 7.82 7.92
CA THR A 189 -7.96 7.89 9.01
C THR A 189 -9.35 7.55 8.48
N ALA A 190 -10.20 7.00 9.35
CA ALA A 190 -11.55 6.63 8.95
C ALA A 190 -12.50 7.79 9.25
N VAL A 191 -13.42 8.05 8.34
CA VAL A 191 -14.38 9.12 8.56
C VAL A 191 -15.78 8.66 8.21
N SER A 192 -16.78 9.40 8.66
CA SER A 192 -18.17 9.07 8.34
C SER A 192 -18.47 9.66 6.97
N ILE A 193 -19.27 8.94 6.19
CA ILE A 193 -19.61 9.37 4.85
C ILE A 193 -19.97 10.85 4.76
N ASP A 194 -20.80 11.31 5.68
CA ASP A 194 -21.23 12.69 5.71
C ASP A 194 -20.05 13.65 5.69
N ARG A 195 -19.00 13.31 6.44
CA ARG A 195 -17.81 14.16 6.50
C ARG A 195 -17.30 14.46 5.10
N LEU A 196 -17.61 13.59 4.15
CA LEU A 196 -17.16 13.75 2.77
C LEU A 196 -17.95 14.75 1.95
N ALA A 197 -19.18 15.02 2.38
CA ALA A 197 -20.07 15.96 1.69
C ALA A 197 -19.49 17.37 1.70
N ALA A 198 -18.55 17.62 2.61
CA ALA A 198 -17.91 18.91 2.73
C ALA A 198 -17.06 19.23 1.51
N TYR A 199 -16.75 18.21 0.72
CA TYR A 199 -15.93 18.40 -0.48
C TYR A 199 -16.70 18.73 -1.74
N LYS A 200 -16.83 20.03 -1.98
CA LYS A 200 -17.58 20.49 -3.14
C LYS A 200 -16.87 20.13 -4.45
N ASP A 201 -15.94 20.97 -4.88
CA ASP A 201 -15.24 20.71 -6.13
C ASP A 201 -13.90 20.00 -6.00
N VAL A 202 -13.93 18.67 -6.02
CA VAL A 202 -12.71 17.86 -5.91
C VAL A 202 -12.87 16.53 -6.63
N ASP A 203 -11.74 15.93 -6.99
CA ASP A 203 -11.71 14.63 -7.64
C ASP A 203 -11.59 13.56 -6.56
N VAL A 204 -12.40 12.52 -6.67
CA VAL A 204 -12.39 11.46 -5.66
C VAL A 204 -12.22 10.05 -6.22
N LEU A 205 -11.20 9.36 -5.72
CA LEU A 205 -10.94 8.00 -6.14
C LEU A 205 -11.13 7.09 -4.94
N CYS A 206 -11.70 5.92 -5.17
CA CYS A 206 -11.95 4.96 -4.11
C CYS A 206 -11.45 3.58 -4.51
N PHE A 207 -10.36 3.14 -3.91
CA PHE A 207 -9.77 1.84 -4.22
C PHE A 207 -10.70 0.72 -3.84
N ASP A 208 -10.97 -0.18 -4.79
CA ASP A 208 -11.84 -1.33 -4.53
C ASP A 208 -11.03 -2.45 -3.90
N HIS A 209 -11.72 -3.38 -3.27
CA HIS A 209 -11.07 -4.54 -2.70
C HIS A 209 -12.09 -5.64 -2.51
N ASP A 210 -12.71 -6.03 -3.63
CA ASP A 210 -13.72 -7.08 -3.64
C ASP A 210 -14.82 -6.74 -2.62
N ASN A 211 -15.33 -5.51 -2.70
CA ASN A 211 -16.34 -5.05 -1.77
C ASN A 211 -17.50 -4.35 -2.49
N SER A 212 -17.88 -4.89 -3.66
CA SER A 212 -18.95 -4.31 -4.44
C SER A 212 -20.29 -4.36 -3.71
N LYS A 213 -20.55 -5.43 -2.98
CA LYS A 213 -21.81 -5.52 -2.23
C LYS A 213 -21.84 -4.33 -1.30
N ASP A 214 -20.68 -4.01 -0.72
CA ASP A 214 -20.53 -2.89 0.20
C ASP A 214 -20.70 -1.54 -0.49
N MET A 215 -20.17 -1.42 -1.70
CA MET A 215 -20.27 -0.18 -2.46
C MET A 215 -21.71 0.13 -2.84
N ASP A 216 -22.40 -0.88 -3.33
CA ASP A 216 -23.79 -0.71 -3.73
C ASP A 216 -24.62 -0.23 -2.55
N ALA A 217 -24.40 -0.81 -1.38
CA ALA A 217 -25.12 -0.40 -0.19
C ALA A 217 -24.89 1.10 0.00
N LEU A 218 -23.63 1.51 -0.17
CA LEU A 218 -23.23 2.91 -0.02
C LEU A 218 -23.83 3.81 -1.11
N MET A 219 -23.65 3.42 -2.37
CA MET A 219 -24.18 4.22 -3.48
C MET A 219 -25.71 4.22 -3.47
N ALA A 220 -26.30 3.40 -2.60
CA ALA A 220 -27.75 3.29 -2.48
C ALA A 220 -28.33 4.34 -1.55
N THR A 221 -27.53 4.74 -0.57
CA THR A 221 -27.95 5.73 0.41
C THR A 221 -28.22 7.06 -0.26
N PRO A 222 -29.22 7.80 0.24
CA PRO A 222 -29.53 9.11 -0.35
C PRO A 222 -28.38 10.09 -0.09
N LEU A 223 -27.65 9.86 0.99
CA LEU A 223 -26.52 10.71 1.36
C LEU A 223 -25.50 10.65 0.24
N TRP A 224 -25.18 9.44 -0.20
CA TRP A 224 -24.20 9.28 -1.26
C TRP A 224 -24.64 9.95 -2.56
N GLN A 225 -25.87 9.69 -3.00
CA GLN A 225 -26.36 10.29 -4.24
C GLN A 225 -26.44 11.80 -4.09
N ALA A 226 -26.56 12.25 -2.84
CA ALA A 226 -26.65 13.66 -2.50
C ALA A 226 -25.26 14.29 -2.52
N MET A 227 -24.25 13.45 -2.36
CA MET A 227 -22.85 13.88 -2.34
C MET A 227 -22.55 14.84 -3.49
N PRO A 228 -22.06 16.05 -3.17
CA PRO A 228 -21.75 17.04 -4.20
C PRO A 228 -20.76 16.61 -5.28
N PHE A 229 -19.61 16.06 -4.88
CA PHE A 229 -18.61 15.64 -5.85
C PHE A 229 -19.13 14.48 -6.72
N VAL A 230 -20.09 13.73 -6.19
CA VAL A 230 -20.71 12.64 -6.94
C VAL A 230 -21.53 13.30 -8.04
N ARG A 231 -22.48 14.13 -7.64
CA ARG A 231 -23.35 14.85 -8.58
C ARG A 231 -22.54 15.63 -9.61
N ALA A 232 -21.34 16.05 -9.24
CA ALA A 232 -20.50 16.82 -10.16
C ALA A 232 -19.81 15.90 -11.15
N GLY A 233 -19.94 14.59 -10.95
CA GLY A 233 -19.33 13.61 -11.83
C GLY A 233 -17.83 13.51 -11.60
N ARG A 234 -17.40 13.62 -10.34
CA ARG A 234 -15.99 13.55 -9.99
C ARG A 234 -15.66 12.31 -9.15
N PHE A 235 -16.60 11.40 -8.99
CA PHE A 235 -16.31 10.19 -8.23
C PHE A 235 -15.92 9.00 -9.10
N GLN A 236 -14.85 8.31 -8.72
CA GLN A 236 -14.37 7.17 -9.48
C GLN A 236 -13.95 6.02 -8.59
N ARG A 237 -14.31 4.81 -9.02
CA ARG A 237 -13.90 3.63 -8.30
C ARG A 237 -12.70 3.07 -9.07
N VAL A 238 -11.57 2.99 -8.40
CA VAL A 238 -10.37 2.50 -9.05
C VAL A 238 -9.97 1.16 -8.45
N PRO A 239 -9.08 0.44 -9.12
CA PRO A 239 -8.58 -0.87 -8.70
C PRO A 239 -7.78 -0.81 -7.39
N ALA A 240 -7.78 -1.91 -6.64
CA ALA A 240 -7.03 -1.96 -5.39
C ALA A 240 -5.57 -1.61 -5.60
N VAL A 241 -5.03 -0.89 -4.63
CA VAL A 241 -3.62 -0.49 -4.60
C VAL A 241 -3.32 -0.46 -3.10
N TRP A 242 -2.28 -1.19 -2.68
CA TRP A 242 -1.94 -1.28 -1.25
C TRP A 242 -1.45 0.06 -0.71
N PHE A 243 -2.12 0.57 0.32
CA PHE A 243 -1.75 1.86 0.91
C PHE A 243 -0.55 1.88 1.85
N TYR A 244 -0.12 0.70 2.31
CA TYR A 244 1.00 0.62 3.23
C TYR A 244 2.18 -0.18 2.66
N GLY A 245 2.37 -0.08 1.35
CA GLY A 245 3.46 -0.79 0.69
C GLY A 245 4.72 0.04 0.49
N ALA A 246 5.39 -0.17 -0.63
CA ALA A 246 6.63 0.56 -0.92
C ALA A 246 6.66 1.16 -2.32
N THR A 247 7.73 0.87 -3.07
CA THR A 247 7.92 1.39 -4.43
C THR A 247 7.01 0.73 -5.48
N LEU A 248 6.66 -0.54 -5.28
CA LEU A 248 5.80 -1.22 -6.22
C LEU A 248 4.35 -0.74 -6.03
N SER A 249 4.03 -0.31 -4.81
CA SER A 249 2.70 0.19 -4.50
C SER A 249 2.55 1.61 -5.03
N ALA A 250 3.65 2.34 -5.08
CA ALA A 250 3.64 3.71 -5.60
C ALA A 250 3.53 3.64 -7.13
N MET A 251 4.24 2.70 -7.75
CA MET A 251 4.19 2.58 -9.20
C MET A 251 2.83 2.04 -9.64
N HIS A 252 2.19 1.27 -8.76
CA HIS A 252 0.87 0.71 -9.05
C HIS A 252 -0.14 1.87 -8.97
N PHE A 253 0.08 2.77 -8.04
CA PHE A 253 -0.78 3.94 -7.83
C PHE A 253 -0.69 4.89 -9.02
N VAL A 254 0.52 5.14 -9.50
CA VAL A 254 0.71 6.02 -10.64
C VAL A 254 -0.03 5.44 -11.85
N ARG A 255 -0.09 4.12 -11.95
CA ARG A 255 -0.80 3.48 -13.05
C ARG A 255 -2.30 3.76 -12.90
N VAL A 256 -2.86 3.36 -11.77
CA VAL A 256 -4.26 3.59 -11.50
C VAL A 256 -4.60 5.08 -11.62
N LEU A 257 -3.75 5.93 -11.05
CA LEU A 257 -3.94 7.37 -11.08
C LEU A 257 -3.98 7.85 -12.52
N ASP A 258 -2.99 7.42 -13.29
CA ASP A 258 -2.91 7.80 -14.69
C ASP A 258 -4.20 7.45 -15.40
N ASN A 259 -4.62 6.19 -15.30
CA ASN A 259 -5.84 5.75 -15.95
C ASN A 259 -7.05 6.52 -15.47
N ALA A 260 -7.12 6.75 -14.17
CA ALA A 260 -8.23 7.45 -13.58
C ALA A 260 -8.33 8.91 -14.01
N ILE A 261 -7.25 9.68 -13.83
CA ILE A 261 -7.31 11.09 -14.20
C ILE A 261 -6.23 11.61 -15.15
N GLY A 262 -5.41 10.73 -15.70
CA GLY A 262 -4.39 11.18 -16.61
C GLY A 262 -5.00 11.66 -17.91
#